data_8QVG
#
_entry.id   8QVG
#
_cell.length_a   93.87
_cell.length_b   93.87
_cell.length_c   246.37
_cell.angle_alpha   90
_cell.angle_beta   90
_cell.angle_gamma   120
#
_symmetry.space_group_name_H-M   'P 65 2 2'
#
loop_
_entity.id
_entity.type
_entity.pdbx_description
1 polymer 'Bifunctional epoxide hydrolase 2'
2 non-polymer N-(3,3-DIPHENYLPROPYL)PYRROLIDINE-1-CARBOXAMIDE
3 water water
#
_entity_poly.entity_id   1
_entity_poly.type   'polypeptide(L)'
_entity_poly.pdbx_seq_one_letter_code
;GMTLRAAVFDLDGVLALPAVFGVLGRTEEALALPRGLLNDAFQKGGPEGATTRLMKGEITLSQWIPLMEENCRKCSETAK
VCLPKNFSIKEIFDKAISARKINRPMLQAALMLRKKGFTTAILTNTWLDDRAERDGLAQLMCELKMHFDFLIESCQVGMV
KPEPQIYKFLLDTLKASPSEVVFLDDIGANLKPARDLGMVTILVQDTDTALKELEKVTGIQLLNTPAPLPTSCNPSDMSH
GYVTVKPRVRLHFVELGSGPAVCLCHGFPESWYSWRYQIPALAQAGYRVLAMDMKGYGESSAPPEIEEYCMEVLCKEMVT
FLDKLGLSQAVFIGHDWGGMLVWYMALFYPERVRAVASLNTPFIPANPNMSPLESIKANPVFDYQLYFQEPGVAEAELEQ
NLSRTFKSLFRASDESVLSMHKVCEAGGLFVNSPEEPSLSRMVTEEEIQFYVQQFKKSGFRGPLNWYRNMERNWKWACKS
LGRKILIPALMVTAEKDFVLVPQMSQHMEDWIPHLKRGHIEDCGHWTQMDKPTEVNQILIKWLDSDARN
;
_entity_poly.pdbx_strand_id   A
#
loop_
_chem_comp.id
_chem_comp.type
_chem_comp.name
_chem_comp.formula
6N8 non-polymer N-(3,3-DIPHENYLPROPYL)PYRROLIDINE-1-CARBOXAMIDE 'C20 H20 N2 O'
#
# COMPACT_ATOMS: atom_id res chain seq x y z
N THR A 3 14.54 -13.66 26.03
CA THR A 3 15.73 -14.36 25.56
C THR A 3 15.70 -14.56 24.01
N LEU A 4 14.56 -15.02 23.43
CA LEU A 4 14.47 -15.16 21.97
C LEU A 4 14.29 -13.77 21.39
N ARG A 5 15.11 -13.41 20.40
CA ARG A 5 15.00 -12.08 19.79
C ARG A 5 15.07 -12.09 18.25
N ALA A 6 15.22 -13.26 17.62
CA ALA A 6 15.24 -13.37 16.18
C ALA A 6 14.43 -14.57 15.71
N ALA A 7 13.74 -14.42 14.57
CA ALA A 7 12.97 -15.50 13.96
C ALA A 7 13.34 -15.59 12.46
N VAL A 8 13.78 -16.76 12.02
CA VAL A 8 14.21 -17.04 10.65
C VAL A 8 13.20 -18.00 10.03
N PHE A 9 12.72 -17.65 8.84
CA PHE A 9 11.74 -18.44 8.10
C PHE A 9 12.30 -18.86 6.76
N ASP A 10 11.97 -20.06 6.32
CA ASP A 10 12.31 -20.52 4.98
C ASP A 10 11.21 -19.95 4.03
N LEU A 11 11.50 -19.77 2.73
CA LEU A 11 10.47 -19.28 1.80
C LEU A 11 9.57 -20.47 1.38
N ASP A 12 10.13 -21.44 0.66
CA ASP A 12 9.42 -22.61 0.17
C ASP A 12 8.85 -23.50 1.29
N GLY A 13 7.53 -23.71 1.27
CA GLY A 13 6.85 -24.56 2.24
C GLY A 13 6.57 -23.92 3.59
N VAL A 14 7.10 -22.70 3.83
CA VAL A 14 6.88 -22.00 5.09
C VAL A 14 6.16 -20.65 4.85
N LEU A 15 6.80 -19.69 4.15
CA LEU A 15 6.16 -18.42 3.84
C LEU A 15 5.37 -18.46 2.52
N ALA A 16 5.65 -19.44 1.65
CA ALA A 16 4.99 -19.61 0.37
C ALA A 16 4.53 -21.07 0.24
N LEU A 17 3.26 -21.27 -0.15
CA LEU A 17 2.66 -22.60 -0.28
C LEU A 17 1.98 -22.76 -1.64
N PRO A 18 2.06 -23.96 -2.26
CA PRO A 18 2.74 -25.17 -1.78
C PRO A 18 4.24 -25.22 -2.09
N ALA A 19 4.95 -26.13 -1.43
CA ALA A 19 6.37 -26.34 -1.66
C ALA A 19 6.58 -27.04 -3.01
N VAL A 20 7.75 -26.82 -3.66
CA VAL A 20 8.09 -27.44 -4.94
C VAL A 20 8.11 -28.98 -4.82
N PHE A 21 8.59 -29.51 -3.70
CA PHE A 21 8.65 -30.95 -3.40
C PHE A 21 7.24 -31.56 -3.34
N GLY A 22 6.25 -30.78 -2.90
CA GLY A 22 4.87 -31.22 -2.87
C GLY A 22 4.33 -31.39 -4.27
N VAL A 23 4.73 -30.50 -5.20
CA VAL A 23 4.33 -30.52 -6.61
C VAL A 23 5.04 -31.64 -7.38
N LEU A 24 6.28 -31.98 -6.99
CA LEU A 24 7.01 -33.11 -7.61
C LEU A 24 6.27 -34.43 -7.27
N GLY A 25 5.79 -34.55 -6.03
CA GLY A 25 5.06 -35.71 -5.54
C GLY A 25 3.70 -35.84 -6.20
N ARG A 26 3.03 -34.70 -6.47
CA ARG A 26 1.74 -34.71 -7.14
C ARG A 26 1.87 -35.06 -8.61
N THR A 27 2.98 -34.66 -9.24
CA THR A 27 3.26 -34.96 -10.64
C THR A 27 3.48 -36.47 -10.84
N GLU A 28 4.16 -37.13 -9.90
CA GLU A 28 4.37 -38.58 -9.98
C GLU A 28 3.04 -39.32 -9.83
N GLU A 29 2.15 -38.84 -8.93
CA GLU A 29 0.84 -39.46 -8.75
C GLU A 29 -0.03 -39.24 -9.98
N ALA A 30 0.00 -38.03 -10.56
CA ALA A 30 -0.82 -37.71 -11.73
C ALA A 30 -0.34 -38.40 -12.98
N LEU A 31 0.98 -38.53 -13.15
CA LEU A 31 1.58 -39.16 -14.32
C LEU A 31 1.82 -40.66 -14.16
N ALA A 32 1.34 -41.28 -13.07
CA ALA A 32 1.50 -42.71 -12.77
C ALA A 32 2.97 -43.16 -12.74
N LEU A 33 3.86 -42.28 -12.30
CA LEU A 33 5.28 -42.57 -12.22
C LEU A 33 5.62 -43.20 -10.85
N PRO A 34 6.72 -43.98 -10.77
CA PRO A 34 7.12 -44.55 -9.48
C PRO A 34 7.25 -43.50 -8.37
N ARG A 35 6.90 -43.88 -7.15
CA ARG A 35 6.98 -42.98 -6.00
C ARG A 35 8.42 -42.58 -5.73
N GLY A 36 8.60 -41.28 -5.55
CA GLY A 36 9.89 -40.65 -5.29
C GLY A 36 10.81 -40.48 -6.48
N LEU A 37 10.39 -40.88 -7.69
CA LEU A 37 11.23 -40.80 -8.91
C LEU A 37 11.74 -39.38 -9.25
N LEU A 38 10.84 -38.37 -9.22
CA LEU A 38 11.17 -36.97 -9.51
C LEU A 38 11.98 -36.33 -8.40
N ASN A 39 11.69 -36.69 -7.14
CA ASN A 39 12.46 -36.20 -5.99
C ASN A 39 13.89 -36.83 -5.99
N ASP A 40 14.06 -38.04 -6.54
CA ASP A 40 15.38 -38.66 -6.66
C ASP A 40 16.17 -37.96 -7.75
N ALA A 41 15.53 -37.64 -8.89
CA ALA A 41 16.18 -36.94 -9.99
C ALA A 41 16.61 -35.53 -9.54
N PHE A 42 15.78 -34.88 -8.72
CA PHE A 42 16.03 -33.56 -8.17
C PHE A 42 17.27 -33.58 -7.27
N GLN A 43 17.40 -34.58 -6.39
CA GLN A 43 18.52 -34.66 -5.46
C GLN A 43 19.75 -35.41 -5.99
N LYS A 44 19.68 -35.92 -7.22
CA LYS A 44 20.72 -36.70 -7.89
C LYS A 44 22.11 -36.06 -7.87
N GLY A 45 23.06 -36.77 -7.27
CA GLY A 45 24.44 -36.32 -7.18
C GLY A 45 24.81 -35.71 -5.84
N GLY A 46 23.81 -35.40 -5.02
CA GLY A 46 24.04 -34.78 -3.73
C GLY A 46 24.73 -33.43 -3.84
N PRO A 47 25.79 -33.22 -3.04
CA PRO A 47 26.53 -31.94 -3.08
C PRO A 47 27.24 -31.65 -4.41
N GLU A 48 27.39 -32.64 -5.26
CA GLU A 48 28.03 -32.46 -6.57
C GLU A 48 27.04 -32.48 -7.76
N GLY A 49 25.75 -32.60 -7.47
CA GLY A 49 24.70 -32.66 -8.47
C GLY A 49 24.29 -31.33 -9.05
N ALA A 50 23.44 -31.38 -10.08
CA ALA A 50 22.98 -30.21 -10.79
C ALA A 50 22.20 -29.26 -9.90
N THR A 51 21.41 -29.79 -8.96
CA THR A 51 20.58 -28.97 -8.10
C THR A 51 21.40 -28.19 -7.09
N THR A 52 22.49 -28.77 -6.57
CA THR A 52 23.35 -28.04 -5.64
C THR A 52 24.07 -26.90 -6.37
N ARG A 53 24.48 -27.13 -7.62
CA ARG A 53 25.11 -26.13 -8.45
C ARG A 53 24.13 -24.97 -8.73
N LEU A 54 22.85 -25.31 -8.98
CA LEU A 54 21.77 -24.37 -9.17
C LEU A 54 21.50 -23.56 -7.86
N MET A 55 21.36 -24.23 -6.70
CA MET A 55 21.11 -23.53 -5.44
C MET A 55 22.29 -22.66 -4.98
N LYS A 56 23.51 -23.01 -5.39
CA LYS A 56 24.68 -22.22 -5.07
C LYS A 56 24.90 -21.02 -6.01
N GLY A 57 24.15 -20.95 -7.11
CA GLY A 57 24.29 -19.86 -8.07
C GLY A 57 25.35 -20.10 -9.12
N GLU A 58 25.82 -21.33 -9.28
CA GLU A 58 26.83 -21.65 -10.30
C GLU A 58 26.23 -21.61 -11.70
N ILE A 59 24.97 -22.04 -11.83
CA ILE A 59 24.20 -22.03 -13.07
C ILE A 59 22.82 -21.42 -12.79
N THR A 60 22.13 -21.00 -13.84
CA THR A 60 20.80 -20.42 -13.74
C THR A 60 19.72 -21.54 -13.89
N LEU A 61 18.43 -21.21 -13.62
CA LEU A 61 17.33 -22.18 -13.76
C LEU A 61 17.25 -22.79 -15.18
N SER A 62 17.38 -21.97 -16.24
CA SER A 62 17.35 -22.45 -17.61
C SER A 62 18.52 -23.38 -17.97
N GLN A 63 19.70 -23.18 -17.36
CA GLN A 63 20.82 -24.09 -17.60
C GLN A 63 20.59 -25.45 -16.88
N TRP A 64 19.94 -25.41 -15.70
CA TRP A 64 19.64 -26.59 -14.89
C TRP A 64 18.54 -27.46 -15.47
N ILE A 65 17.54 -26.86 -16.16
CA ILE A 65 16.39 -27.58 -16.70
C ILE A 65 16.81 -28.81 -17.53
N PRO A 66 17.68 -28.71 -18.57
CA PRO A 66 18.07 -29.92 -19.30
C PRO A 66 18.91 -30.91 -18.49
N LEU A 67 19.57 -30.44 -17.41
CA LEU A 67 20.34 -31.34 -16.53
C LEU A 67 19.40 -32.18 -15.68
N MET A 68 18.27 -31.61 -15.23
CA MET A 68 17.23 -32.28 -14.44
C MET A 68 16.49 -33.30 -15.34
N GLU A 69 16.25 -32.94 -16.61
CA GLU A 69 15.61 -33.81 -17.59
C GLU A 69 16.47 -35.08 -17.78
N GLU A 70 17.79 -34.91 -17.89
CA GLU A 70 18.71 -36.03 -18.02
C GLU A 70 18.71 -36.91 -16.74
N ASN A 71 18.63 -36.28 -15.55
CA ASN A 71 18.54 -37.00 -14.29
C ASN A 71 17.25 -37.85 -14.21
N CYS A 72 16.15 -37.32 -14.76
CA CYS A 72 14.84 -37.99 -14.82
C CYS A 72 14.90 -39.23 -15.68
N ARG A 73 15.63 -39.18 -16.79
CA ARG A 73 15.76 -40.34 -17.67
C ARG A 73 16.67 -41.39 -17.06
N LYS A 74 17.80 -40.97 -16.49
CA LYS A 74 18.72 -41.89 -15.81
C LYS A 74 18.01 -42.64 -14.67
N CYS A 75 17.15 -41.95 -13.90
CA CYS A 75 16.37 -42.50 -12.80
C CYS A 75 15.30 -43.49 -13.29
N SER A 76 14.61 -43.15 -14.40
N SER A 76 14.62 -43.16 -14.40
CA SER A 76 13.57 -44.01 -14.97
CA SER A 76 13.59 -44.00 -14.99
C SER A 76 14.15 -45.29 -15.60
C SER A 76 14.16 -45.29 -15.59
N GLU A 77 15.39 -45.22 -16.11
CA GLU A 77 16.04 -46.39 -16.69
C GLU A 77 16.40 -47.43 -15.60
N THR A 78 16.80 -47.00 -14.40
CA THR A 78 17.09 -47.95 -13.32
C THR A 78 15.78 -48.52 -12.73
N ALA A 79 14.72 -47.71 -12.68
CA ALA A 79 13.41 -48.13 -12.21
C ALA A 79 12.65 -48.99 -13.26
N LYS A 80 13.21 -49.13 -14.49
CA LYS A 80 12.67 -49.90 -15.61
C LYS A 80 11.32 -49.36 -16.05
N VAL A 81 11.18 -48.03 -16.09
CA VAL A 81 9.93 -47.37 -16.50
C VAL A 81 10.16 -46.37 -17.65
N CYS A 82 9.07 -45.98 -18.33
CA CYS A 82 9.15 -45.02 -19.42
C CYS A 82 8.48 -43.72 -19.06
N LEU A 83 9.14 -42.60 -19.37
CA LEU A 83 8.58 -41.29 -19.11
C LEU A 83 7.52 -40.99 -20.19
N PRO A 84 6.39 -40.38 -19.82
CA PRO A 84 5.35 -40.10 -20.82
C PRO A 84 5.83 -39.34 -22.06
N LYS A 85 5.04 -39.40 -23.14
CA LYS A 85 5.32 -38.79 -24.43
C LYS A 85 5.69 -37.30 -24.35
N ASN A 86 4.89 -36.51 -23.61
CA ASN A 86 5.13 -35.07 -23.49
C ASN A 86 5.73 -34.64 -22.13
N PHE A 87 6.66 -35.43 -21.57
CA PHE A 87 7.29 -35.11 -20.28
C PHE A 87 8.21 -33.89 -20.40
N SER A 88 7.95 -32.84 -19.62
CA SER A 88 8.76 -31.61 -19.66
C SER A 88 8.98 -31.02 -18.27
N ILE A 89 10.24 -30.90 -17.85
CA ILE A 89 10.61 -30.32 -16.56
C ILE A 89 10.20 -28.86 -16.49
N LYS A 90 10.33 -28.12 -17.60
CA LYS A 90 9.92 -26.73 -17.69
C LYS A 90 8.44 -26.54 -17.38
N GLU A 91 7.54 -27.31 -18.02
CA GLU A 91 6.09 -27.18 -17.76
C GLU A 91 5.78 -27.47 -16.30
N ILE A 92 6.42 -28.50 -15.73
CA ILE A 92 6.24 -28.92 -14.35
C ILE A 92 6.69 -27.84 -13.38
N PHE A 93 7.87 -27.27 -13.61
CA PHE A 93 8.40 -26.23 -12.74
C PHE A 93 7.68 -24.89 -12.92
N ASP A 94 7.30 -24.50 -14.15
CA ASP A 94 6.55 -23.26 -14.40
C ASP A 94 5.23 -23.29 -13.65
N LYS A 95 4.49 -24.41 -13.72
CA LYS A 95 3.20 -24.57 -13.05
C LYS A 95 3.36 -24.56 -11.53
N ALA A 96 4.42 -25.22 -11.01
CA ALA A 96 4.75 -25.29 -9.58
C ALA A 96 5.09 -23.91 -9.00
N ILE A 97 5.93 -23.13 -9.72
CA ILE A 97 6.34 -21.79 -9.30
C ILE A 97 5.15 -20.85 -9.33
N SER A 98 4.37 -20.92 -10.40
CA SER A 98 3.20 -20.07 -10.58
C SER A 98 2.08 -20.31 -9.54
N ALA A 99 1.89 -21.55 -9.09
CA ALA A 99 0.86 -21.92 -8.11
C ALA A 99 1.17 -21.43 -6.69
N ARG A 100 2.45 -21.25 -6.38
CA ARG A 100 2.92 -20.83 -5.08
C ARG A 100 2.46 -19.41 -4.70
N LYS A 101 1.72 -19.29 -3.59
CA LYS A 101 1.22 -18.02 -3.06
C LYS A 101 1.73 -17.79 -1.63
N ILE A 102 1.69 -16.55 -1.14
CA ILE A 102 2.08 -16.21 0.21
C ILE A 102 1.15 -16.87 1.23
N ASN A 103 1.75 -17.49 2.25
CA ASN A 103 1.07 -18.13 3.35
C ASN A 103 0.77 -16.98 4.32
N ARG A 104 -0.36 -16.28 4.09
CA ARG A 104 -0.80 -15.11 4.87
C ARG A 104 -0.71 -15.31 6.37
N PRO A 105 -1.23 -16.40 6.99
CA PRO A 105 -1.05 -16.56 8.46
C PRO A 105 0.42 -16.58 8.94
N MET A 106 1.33 -17.17 8.15
CA MET A 106 2.74 -17.24 8.49
C MET A 106 3.39 -15.85 8.39
N LEU A 107 2.99 -15.06 7.37
CA LEU A 107 3.45 -13.69 7.16
C LEU A 107 2.88 -12.75 8.25
N GLN A 108 1.62 -12.95 8.69
CA GLN A 108 1.04 -12.14 9.77
C GLN A 108 1.78 -12.38 11.08
N ALA A 109 2.22 -13.61 11.32
CA ALA A 109 2.97 -13.99 12.52
C ALA A 109 4.36 -13.34 12.49
N ALA A 110 5.03 -13.31 11.32
CA ALA A 110 6.35 -12.70 11.18
C ALA A 110 6.26 -11.18 11.38
N LEU A 111 5.21 -10.55 10.82
CA LEU A 111 4.93 -9.13 10.97
C LEU A 111 4.67 -8.76 12.43
N MET A 112 3.96 -9.64 13.15
CA MET A 112 3.66 -9.46 14.56
C MET A 112 4.90 -9.63 15.44
N LEU A 113 5.79 -10.56 15.09
CA LEU A 113 7.03 -10.75 15.83
C LEU A 113 7.95 -9.54 15.62
N ARG A 114 7.98 -8.99 14.39
CA ARG A 114 8.82 -7.83 14.07
C ARG A 114 8.34 -6.56 14.81
N LYS A 115 7.01 -6.42 14.96
CA LYS A 115 6.37 -5.32 15.68
C LYS A 115 6.76 -5.38 17.17
N LYS A 116 6.88 -6.61 17.73
CA LYS A 116 7.28 -6.86 19.12
C LYS A 116 8.79 -6.85 19.36
N GLY A 117 9.56 -6.31 18.40
CA GLY A 117 11.01 -6.17 18.55
C GLY A 117 11.92 -7.25 18.03
N PHE A 118 11.38 -8.27 17.33
CA PHE A 118 12.19 -9.35 16.79
C PHE A 118 12.85 -8.97 15.48
N THR A 119 14.04 -9.51 15.26
CA THR A 119 14.71 -9.37 13.98
C THR A 119 14.18 -10.54 13.15
N THR A 120 13.68 -10.27 11.94
CA THR A 120 13.13 -11.33 11.10
C THR A 120 13.97 -11.54 9.85
N ALA A 121 14.14 -12.80 9.44
CA ALA A 121 14.90 -13.09 8.25
C ALA A 121 14.33 -14.23 7.44
N ILE A 122 14.58 -14.23 6.15
CA ILE A 122 14.26 -15.30 5.25
C ILE A 122 15.60 -15.91 4.89
N LEU A 123 15.76 -17.22 5.10
CA LEU A 123 16.96 -17.95 4.72
C LEU A 123 16.44 -19.04 3.80
N THR A 124 16.69 -18.92 2.50
CA THR A 124 16.14 -19.86 1.53
C THR A 124 17.16 -20.43 0.57
N ASN A 125 16.90 -21.66 0.12
CA ASN A 125 17.67 -22.27 -0.94
C ASN A 125 16.89 -21.89 -2.19
N THR A 126 17.44 -20.99 -2.98
CA THR A 126 16.75 -20.53 -4.17
C THR A 126 17.71 -20.50 -5.39
N TRP A 127 17.19 -20.16 -6.57
CA TRP A 127 17.95 -20.19 -7.81
C TRP A 127 17.92 -18.83 -8.54
N LEU A 128 18.79 -18.65 -9.54
CA LEU A 128 18.78 -17.48 -10.40
C LEU A 128 17.78 -17.79 -11.50
N ASP A 129 16.63 -17.17 -11.43
CA ASP A 129 15.56 -17.42 -12.39
C ASP A 129 15.67 -16.52 -13.64
N ASP A 130 15.92 -17.16 -14.78
CA ASP A 130 16.04 -16.53 -16.09
C ASP A 130 14.97 -17.00 -17.11
N ARG A 131 13.88 -17.61 -16.62
CA ARG A 131 12.77 -18.06 -17.46
C ARG A 131 12.02 -16.82 -17.98
N ALA A 132 11.27 -16.95 -19.09
CA ALA A 132 10.46 -15.84 -19.58
C ALA A 132 9.41 -15.40 -18.54
N GLU A 133 9.02 -16.31 -17.63
CA GLU A 133 8.04 -16.12 -16.58
C GLU A 133 8.65 -15.71 -15.22
N ARG A 134 9.95 -15.35 -15.17
CA ARG A 134 10.65 -14.95 -13.95
C ARG A 134 10.04 -13.74 -13.21
N ASP A 135 9.19 -12.93 -13.87
CA ASP A 135 8.55 -11.78 -13.23
C ASP A 135 7.61 -12.17 -12.12
N GLY A 136 6.96 -13.33 -12.26
CA GLY A 136 6.05 -13.84 -11.23
C GLY A 136 6.78 -14.08 -9.92
N LEU A 137 7.99 -14.64 -10.01
CA LEU A 137 8.83 -14.88 -8.86
C LEU A 137 9.35 -13.53 -8.28
N ALA A 138 9.84 -12.62 -9.15
CA ALA A 138 10.32 -11.30 -8.77
C ALA A 138 9.26 -10.53 -7.98
N GLN A 139 7.97 -10.59 -8.42
CA GLN A 139 6.86 -9.92 -7.73
C GLN A 139 6.60 -10.51 -6.34
N LEU A 140 6.69 -11.85 -6.21
CA LEU A 140 6.52 -12.53 -4.93
C LEU A 140 7.64 -12.11 -3.97
N MET A 141 8.88 -12.09 -4.45
CA MET A 141 10.02 -11.70 -3.64
C MET A 141 9.95 -10.28 -3.17
N CYS A 142 9.46 -9.38 -4.04
CA CYS A 142 9.30 -7.96 -3.70
C CYS A 142 8.28 -7.77 -2.61
N GLU A 143 7.15 -8.48 -2.69
CA GLU A 143 6.10 -8.35 -1.70
C GLU A 143 6.59 -8.82 -0.33
N LEU A 144 7.36 -9.92 -0.30
CA LEU A 144 7.87 -10.49 0.94
C LEU A 144 9.02 -9.76 1.58
N LYS A 145 10.06 -9.39 0.81
CA LYS A 145 11.27 -8.78 1.34
C LYS A 145 11.04 -7.47 2.10
N MET A 146 9.95 -6.73 1.80
CA MET A 146 9.67 -5.50 2.54
C MET A 146 9.25 -5.73 4.01
N HIS A 147 8.81 -6.94 4.33
CA HIS A 147 8.39 -7.26 5.69
C HIS A 147 9.48 -7.90 6.55
N PHE A 148 10.67 -8.14 5.98
CA PHE A 148 11.75 -8.80 6.72
C PHE A 148 12.98 -7.94 6.82
N ASP A 149 13.73 -8.08 7.90
CA ASP A 149 14.97 -7.31 8.08
C ASP A 149 16.05 -7.84 7.12
N PHE A 150 16.11 -9.17 6.92
CA PHE A 150 17.12 -9.75 6.05
C PHE A 150 16.54 -10.80 5.12
N LEU A 151 17.11 -10.93 3.94
CA LEU A 151 16.77 -11.94 2.96
C LEU A 151 18.10 -12.53 2.51
N ILE A 152 18.37 -13.78 2.88
CA ILE A 152 19.58 -14.49 2.51
C ILE A 152 19.19 -15.59 1.54
N GLU A 153 19.72 -15.51 0.33
CA GLU A 153 19.42 -16.44 -0.73
C GLU A 153 20.66 -17.19 -1.03
N SER A 154 20.57 -18.52 -1.02
CA SER A 154 21.69 -19.41 -1.28
C SER A 154 22.47 -19.06 -2.56
N CYS A 155 21.77 -18.83 -3.67
CA CYS A 155 22.36 -18.52 -4.97
C CYS A 155 23.16 -17.19 -4.99
N GLN A 156 22.97 -16.33 -3.99
CA GLN A 156 23.70 -15.09 -3.86
C GLN A 156 24.90 -15.19 -2.93
N VAL A 157 24.84 -16.07 -1.93
CA VAL A 157 25.96 -16.24 -0.99
C VAL A 157 26.82 -17.48 -1.29
N GLY A 158 26.48 -18.27 -2.30
CA GLY A 158 27.24 -19.44 -2.71
C GLY A 158 27.25 -20.63 -1.77
N MET A 159 26.37 -20.61 -0.75
CA MET A 159 26.23 -21.67 0.26
C MET A 159 24.79 -22.21 0.26
N VAL A 160 24.58 -23.46 0.69
CA VAL A 160 23.22 -24.03 0.74
C VAL A 160 22.93 -24.67 2.08
N LYS A 161 21.65 -24.82 2.43
CA LYS A 161 21.22 -25.59 3.59
C LYS A 161 21.18 -27.05 3.07
N PRO A 162 21.67 -28.05 3.85
CA PRO A 162 22.07 -27.96 5.25
C PRO A 162 23.56 -27.75 5.59
N GLU A 163 24.38 -27.10 4.73
CA GLU A 163 25.80 -26.87 5.06
C GLU A 163 25.92 -25.99 6.29
N PRO A 164 26.76 -26.40 7.27
CA PRO A 164 26.88 -25.61 8.51
C PRO A 164 27.34 -24.15 8.35
N GLN A 165 27.99 -23.82 7.22
CA GLN A 165 28.50 -22.48 6.95
C GLN A 165 27.39 -21.44 6.74
N ILE A 166 26.25 -21.85 6.15
CA ILE A 166 25.16 -20.91 5.92
C ILE A 166 24.49 -20.48 7.26
N TYR A 167 24.53 -21.36 8.30
CA TYR A 167 23.98 -21.07 9.63
C TYR A 167 24.91 -20.15 10.41
N LYS A 168 26.22 -20.28 10.21
CA LYS A 168 27.22 -19.41 10.82
C LYS A 168 27.08 -18.02 10.17
N PHE A 169 26.91 -17.98 8.83
CA PHE A 169 26.71 -16.76 8.06
C PHE A 169 25.45 -16.03 8.51
N LEU A 170 24.37 -16.79 8.78
CA LEU A 170 23.09 -16.28 9.26
C LEU A 170 23.24 -15.62 10.63
N LEU A 171 23.95 -16.28 11.58
CA LEU A 171 24.13 -15.75 12.93
C LEU A 171 24.98 -14.48 12.96
N ASP A 172 25.96 -14.40 12.04
CA ASP A 172 26.81 -13.21 11.90
C ASP A 172 26.02 -12.05 11.32
N THR A 173 25.10 -12.33 10.39
CA THR A 173 24.26 -11.32 9.76
C THR A 173 23.26 -10.75 10.78
N LEU A 174 22.69 -11.63 11.62
CA LEU A 174 21.73 -11.24 12.65
C LEU A 174 22.37 -10.63 13.90
N LYS A 175 23.70 -10.82 14.09
CA LYS A 175 24.43 -10.38 15.28
C LYS A 175 23.80 -10.99 16.53
N ALA A 176 23.48 -12.29 16.47
CA ALA A 176 22.81 -12.97 17.58
C ALA A 176 23.46 -14.31 17.91
N SER A 177 23.27 -14.80 19.14
CA SER A 177 23.78 -16.12 19.51
C SER A 177 22.67 -17.18 19.26
N PRO A 178 23.04 -18.42 18.92
CA PRO A 178 22.02 -19.41 18.55
C PRO A 178 20.80 -19.57 19.45
N SER A 179 20.95 -19.47 20.78
CA SER A 179 19.83 -19.62 21.73
C SER A 179 18.81 -18.45 21.65
N GLU A 180 19.17 -17.33 21.00
CA GLU A 180 18.27 -16.19 20.79
C GLU A 180 17.47 -16.33 19.44
N VAL A 181 17.70 -17.41 18.67
CA VAL A 181 17.08 -17.57 17.37
C VAL A 181 16.09 -18.74 17.26
N VAL A 182 14.90 -18.47 16.66
CA VAL A 182 13.89 -19.48 16.30
C VAL A 182 14.05 -19.68 14.80
N PHE A 183 14.14 -20.92 14.38
CA PHE A 183 14.32 -21.29 12.98
C PHE A 183 13.14 -22.16 12.53
N LEU A 184 12.41 -21.72 11.51
CA LEU A 184 11.28 -22.47 10.98
C LEU A 184 11.61 -22.99 9.60
N ASP A 185 11.42 -24.30 9.39
CA ASP A 185 11.68 -24.94 8.13
C ASP A 185 10.79 -26.17 7.98
N ASP A 186 10.38 -26.46 6.75
CA ASP A 186 9.55 -27.63 6.47
C ASP A 186 10.38 -28.91 6.23
N ILE A 187 11.72 -28.79 6.06
CA ILE A 187 12.64 -29.89 5.80
C ILE A 187 13.41 -30.13 7.08
N GLY A 188 13.28 -31.34 7.63
CA GLY A 188 13.93 -31.76 8.87
C GLY A 188 15.44 -31.75 8.81
N ALA A 189 16.00 -32.08 7.64
CA ALA A 189 17.45 -32.09 7.42
C ALA A 189 18.05 -30.69 7.58
N ASN A 190 17.29 -29.62 7.24
CA ASN A 190 17.73 -28.23 7.38
C ASN A 190 17.65 -27.69 8.83
N LEU A 191 16.88 -28.38 9.68
CA LEU A 191 16.72 -28.04 11.09
C LEU A 191 17.90 -28.57 11.88
N LYS A 192 18.38 -29.78 11.55
CA LYS A 192 19.49 -30.47 12.22
C LYS A 192 20.71 -29.56 12.51
N PRO A 193 21.31 -28.83 11.52
CA PRO A 193 22.46 -27.97 11.86
C PRO A 193 22.13 -26.77 12.74
N ALA A 194 20.92 -26.20 12.59
CA ALA A 194 20.48 -25.09 13.44
C ALA A 194 20.36 -25.55 14.89
N ARG A 195 19.81 -26.76 15.09
CA ARG A 195 19.62 -27.43 16.38
C ARG A 195 20.97 -27.81 17.06
N ASP A 196 21.99 -28.25 16.27
CA ASP A 196 23.35 -28.55 16.77
C ASP A 196 23.97 -27.28 17.39
N LEU A 197 23.72 -26.10 16.79
CA LEU A 197 24.22 -24.82 17.32
C LEU A 197 23.47 -24.34 18.57
N GLY A 198 22.31 -24.92 18.85
CA GLY A 198 21.50 -24.55 19.99
C GLY A 198 20.32 -23.66 19.68
N MET A 199 19.97 -23.52 18.38
CA MET A 199 18.82 -22.71 18.00
C MET A 199 17.52 -23.46 18.30
N VAL A 200 16.44 -22.70 18.57
CA VAL A 200 15.11 -23.26 18.72
C VAL A 200 14.64 -23.55 17.29
N THR A 201 14.17 -24.75 17.01
CA THR A 201 13.71 -25.11 15.68
C THR A 201 12.25 -25.54 15.72
N ILE A 202 11.51 -25.23 14.65
CA ILE A 202 10.12 -25.61 14.49
C ILE A 202 10.01 -26.30 13.14
N LEU A 203 9.52 -27.55 13.14
CA LEU A 203 9.33 -28.30 11.89
C LEU A 203 7.94 -27.98 11.39
N VAL A 204 7.88 -27.27 10.27
CA VAL A 204 6.62 -26.83 9.69
C VAL A 204 6.03 -27.92 8.81
N GLN A 205 4.96 -28.58 9.29
CA GLN A 205 4.25 -29.58 8.48
C GLN A 205 2.97 -28.84 8.05
N ASP A 206 2.17 -28.40 9.01
CA ASP A 206 1.00 -27.55 8.75
C ASP A 206 1.22 -26.23 9.53
N THR A 207 0.71 -25.14 8.97
CA THR A 207 0.90 -23.80 9.52
C THR A 207 0.37 -23.63 10.95
N ASP A 208 -0.84 -24.14 11.25
CA ASP A 208 -1.45 -23.94 12.56
C ASP A 208 -0.65 -24.51 13.71
N THR A 209 -0.20 -25.79 13.59
CA THR A 209 0.63 -26.44 14.61
C THR A 209 1.98 -25.72 14.73
N ALA A 210 2.55 -25.28 13.60
CA ALA A 210 3.82 -24.55 13.59
C ALA A 210 3.69 -23.20 14.32
N LEU A 211 2.53 -22.53 14.16
CA LEU A 211 2.23 -21.28 14.83
C LEU A 211 1.95 -21.45 16.32
N LYS A 212 1.40 -22.60 16.72
CA LYS A 212 1.16 -22.89 18.14
C LYS A 212 2.50 -23.11 18.85
N GLU A 213 3.47 -23.76 18.17
CA GLU A 213 4.79 -23.98 18.73
C GLU A 213 5.51 -22.64 18.86
N LEU A 214 5.39 -21.77 17.84
CA LEU A 214 5.97 -20.43 17.81
C LEU A 214 5.35 -19.55 18.91
N GLU A 215 4.06 -19.72 19.21
CA GLU A 215 3.37 -18.98 20.28
C GLU A 215 3.91 -19.41 21.63
N LYS A 216 4.00 -20.72 21.86
CA LYS A 216 4.48 -21.31 23.10
C LYS A 216 5.92 -20.91 23.40
N VAL A 217 6.80 -20.89 22.38
CA VAL A 217 8.20 -20.56 22.61
C VAL A 217 8.47 -19.05 22.70
N THR A 218 7.71 -18.20 21.99
CA THR A 218 7.93 -16.74 22.06
C THR A 218 7.10 -16.03 23.15
N GLY A 219 6.05 -16.70 23.64
CA GLY A 219 5.13 -16.11 24.61
C GLY A 219 4.27 -15.00 24.02
N ILE A 220 4.19 -14.92 22.68
CA ILE A 220 3.44 -13.91 21.93
C ILE A 220 2.27 -14.59 21.20
N GLN A 221 1.08 -14.01 21.30
CA GLN A 221 -0.09 -14.55 20.63
C GLN A 221 -0.02 -14.20 19.15
N LEU A 222 -0.06 -15.23 18.31
CA LEU A 222 0.05 -15.12 16.86
C LEU A 222 -1.20 -15.64 16.16
N LEU A 223 -1.79 -16.70 16.70
CA LEU A 223 -2.99 -17.33 16.21
C LEU A 223 -4.18 -16.69 16.95
N ASN A 224 -5.28 -16.44 16.23
CA ASN A 224 -6.53 -15.87 16.77
C ASN A 224 -6.48 -14.39 17.09
N THR A 225 -5.41 -13.70 16.71
CA THR A 225 -5.29 -12.25 16.94
C THR A 225 -6.18 -11.44 15.97
N PRO A 226 -6.53 -10.18 16.28
CA PRO A 226 -7.35 -9.41 15.33
C PRO A 226 -6.66 -9.14 13.98
N ALA A 227 -7.48 -8.82 12.97
CA ALA A 227 -7.00 -8.51 11.62
C ALA A 227 -6.13 -7.24 11.68
N PRO A 228 -4.91 -7.31 11.16
CA PRO A 228 -4.02 -6.14 11.25
C PRO A 228 -4.36 -5.05 10.23
N LEU A 229 -3.90 -3.82 10.51
CA LEU A 229 -4.09 -2.69 9.61
C LEU A 229 -3.27 -2.92 8.32
N PRO A 230 -3.64 -2.30 7.18
CA PRO A 230 -2.81 -2.46 5.97
C PRO A 230 -1.38 -1.94 6.18
N THR A 231 -0.46 -2.34 5.29
CA THR A 231 0.93 -1.88 5.31
C THR A 231 0.95 -0.35 5.10
N SER A 232 1.74 0.35 5.90
CA SER A 232 1.83 1.80 5.82
C SER A 232 3.12 2.29 5.09
N CYS A 233 3.30 3.60 4.91
CA CYS A 233 4.47 4.14 4.22
C CYS A 233 5.47 4.66 5.17
N ASN A 234 6.74 4.46 4.85
CA ASN A 234 7.81 5.11 5.59
C ASN A 234 8.26 6.21 4.61
N PRO A 235 8.02 7.50 4.90
CA PRO A 235 8.42 8.59 3.99
C PRO A 235 9.86 8.55 3.47
N SER A 236 10.81 8.16 4.33
CA SER A 236 12.22 8.09 3.96
C SER A 236 12.57 6.91 3.03
N ASP A 237 11.66 5.94 2.89
CA ASP A 237 11.76 4.82 1.96
C ASP A 237 11.06 5.11 0.61
N MET A 238 10.40 6.28 0.46
CA MET A 238 9.68 6.60 -0.77
C MET A 238 10.54 7.28 -1.81
N SER A 239 10.15 7.08 -3.07
CA SER A 239 10.77 7.82 -4.15
C SER A 239 10.07 9.17 -4.14
N HIS A 240 10.83 10.26 -4.09
CA HIS A 240 10.30 11.61 -4.07
C HIS A 240 10.50 12.28 -5.41
N GLY A 241 9.41 12.77 -6.00
CA GLY A 241 9.45 13.40 -7.30
C GLY A 241 9.12 14.88 -7.23
N TYR A 242 9.78 15.67 -8.08
CA TYR A 242 9.60 17.11 -8.09
C TYR A 242 9.46 17.57 -9.51
N VAL A 243 8.32 18.18 -9.85
CA VAL A 243 8.08 18.71 -11.20
C VAL A 243 7.83 20.22 -11.12
N THR A 244 8.49 21.01 -11.98
CA THR A 244 8.22 22.45 -12.05
C THR A 244 7.10 22.65 -13.10
N VAL A 245 5.90 23.06 -12.65
CA VAL A 245 4.77 23.24 -13.57
C VAL A 245 4.71 24.68 -14.17
N LYS A 246 5.34 25.65 -13.52
CA LYS A 246 5.43 27.04 -13.95
C LYS A 246 6.59 27.67 -13.16
N PRO A 247 7.19 28.77 -13.66
CA PRO A 247 8.40 29.32 -13.02
C PRO A 247 8.50 29.28 -11.48
N ARG A 248 7.46 29.69 -10.75
CA ARG A 248 7.58 29.67 -9.27
C ARG A 248 6.83 28.50 -8.59
N VAL A 249 6.16 27.63 -9.36
CA VAL A 249 5.40 26.52 -8.80
C VAL A 249 5.98 25.15 -9.09
N ARG A 250 6.40 24.46 -8.03
CA ARG A 250 6.93 23.13 -8.11
C ARG A 250 6.01 22.17 -7.32
N LEU A 251 5.63 21.03 -7.92
CA LEU A 251 4.83 20.04 -7.22
C LEU A 251 5.67 18.85 -6.77
N HIS A 252 5.46 18.42 -5.51
CA HIS A 252 6.12 17.26 -4.94
C HIS A 252 5.12 16.09 -4.92
N PHE A 253 5.61 14.91 -5.24
CA PHE A 253 4.82 13.70 -5.19
C PHE A 253 5.70 12.54 -4.72
N VAL A 254 5.05 11.50 -4.30
CA VAL A 254 5.67 10.27 -3.88
C VAL A 254 5.17 9.21 -4.90
N GLU A 255 6.06 8.32 -5.30
CA GLU A 255 5.75 7.36 -6.34
C GLU A 255 6.07 5.93 -5.98
N LEU A 256 5.14 5.01 -6.30
CA LEU A 256 5.34 3.60 -6.04
C LEU A 256 4.54 2.77 -7.05
N GLY A 257 5.15 1.71 -7.59
CA GLY A 257 4.48 0.81 -8.51
C GLY A 257 4.66 1.05 -9.99
N SER A 258 4.17 0.09 -10.77
CA SER A 258 4.15 0.11 -12.22
C SER A 258 2.75 -0.28 -12.68
N GLY A 259 2.36 0.23 -13.83
CA GLY A 259 1.04 0.00 -14.38
C GLY A 259 0.34 1.31 -14.65
N PRO A 260 -0.99 1.28 -14.82
CA PRO A 260 -1.72 2.54 -15.09
C PRO A 260 -1.49 3.58 -14.01
N ALA A 261 -1.27 4.83 -14.38
CA ALA A 261 -1.01 5.90 -13.41
C ALA A 261 -2.25 6.27 -12.62
N VAL A 262 -2.11 6.38 -11.30
CA VAL A 262 -3.17 6.72 -10.37
C VAL A 262 -2.71 7.91 -9.55
N CYS A 263 -3.41 9.03 -9.66
CA CYS A 263 -3.06 10.25 -8.96
CA CYS A 263 -3.08 10.27 -8.94
C CYS A 263 -3.96 10.44 -7.73
N LEU A 264 -3.36 10.53 -6.55
CA LEU A 264 -4.06 10.71 -5.28
C LEU A 264 -3.99 12.15 -4.84
N CYS A 265 -5.16 12.74 -4.62
CA CYS A 265 -5.30 14.16 -4.28
C CYS A 265 -5.92 14.38 -2.90
N HIS A 266 -5.11 14.83 -1.96
CA HIS A 266 -5.50 14.98 -0.58
C HIS A 266 -6.38 16.19 -0.31
N GLY A 267 -7.00 16.23 0.86
CA GLY A 267 -7.81 17.36 1.26
C GLY A 267 -7.15 18.30 2.25
N PHE A 268 -7.97 19.07 2.93
CA PHE A 268 -7.51 20.05 3.92
C PHE A 268 -7.72 19.57 5.36
N PRO A 269 -6.74 19.79 6.25
CA PRO A 269 -5.37 20.30 6.03
C PRO A 269 -4.40 19.11 6.01
N GLU A 270 -4.21 18.48 4.85
CA GLU A 270 -3.52 17.20 4.81
C GLU A 270 -2.17 17.17 4.05
N SER A 271 -1.78 16.02 3.53
CA SER A 271 -0.48 15.76 2.97
C SER A 271 -0.58 14.55 2.03
N TRP A 272 0.48 14.25 1.25
CA TRP A 272 0.53 12.99 0.49
C TRP A 272 0.41 11.78 1.50
N TYR A 273 0.91 11.97 2.74
CA TYR A 273 0.95 11.03 3.85
C TYR A 273 -0.43 10.54 4.27
N SER A 274 -1.49 11.31 3.98
CA SER A 274 -2.86 10.90 4.26
C SER A 274 -3.26 9.62 3.53
N TRP A 275 -2.54 9.27 2.44
CA TRP A 275 -2.74 8.07 1.63
C TRP A 275 -1.75 6.95 1.98
N ARG A 276 -1.05 7.02 3.16
CA ARG A 276 -0.06 6.02 3.61
C ARG A 276 -0.54 4.54 3.61
N TYR A 277 -1.83 4.27 3.91
CA TYR A 277 -2.34 2.89 3.87
C TYR A 277 -2.73 2.42 2.46
N GLN A 278 -3.02 3.36 1.55
CA GLN A 278 -3.46 3.08 0.18
C GLN A 278 -2.30 2.87 -0.77
N ILE A 279 -1.23 3.68 -0.65
CA ILE A 279 -0.08 3.65 -1.56
C ILE A 279 0.50 2.22 -1.73
N PRO A 280 0.83 1.44 -0.67
CA PRO A 280 1.38 0.10 -0.90
C PRO A 280 0.36 -0.88 -1.47
N ALA A 281 -0.91 -0.81 -1.02
CA ALA A 281 -1.97 -1.71 -1.49
C ALA A 281 -2.28 -1.50 -2.98
N LEU A 282 -2.30 -0.25 -3.40
CA LEU A 282 -2.60 0.11 -4.76
C LEU A 282 -1.42 -0.24 -5.69
N ALA A 283 -0.17 -0.13 -5.20
CA ALA A 283 1.00 -0.53 -5.99
C ALA A 283 0.98 -2.06 -6.16
N GLN A 284 0.68 -2.79 -5.07
CA GLN A 284 0.58 -4.24 -5.07
C GLN A 284 -0.56 -4.74 -5.95
N ALA A 285 -1.64 -3.96 -6.08
CA ALA A 285 -2.75 -4.29 -6.98
C ALA A 285 -2.42 -4.14 -8.48
N GLY A 286 -1.24 -3.59 -8.81
CA GLY A 286 -0.80 -3.41 -10.19
C GLY A 286 -0.96 -2.00 -10.74
N TYR A 287 -0.81 -0.97 -9.88
CA TYR A 287 -0.94 0.43 -10.28
C TYR A 287 0.28 1.26 -9.94
N ARG A 288 0.55 2.27 -10.77
CA ARG A 288 1.63 3.21 -10.52
C ARG A 288 0.96 4.36 -9.77
N VAL A 289 1.22 4.45 -8.49
CA VAL A 289 0.62 5.43 -7.61
C VAL A 289 1.48 6.69 -7.51
N LEU A 290 0.87 7.84 -7.71
CA LEU A 290 1.48 9.14 -7.55
C LEU A 290 0.65 9.85 -6.49
N ALA A 291 1.19 9.98 -5.28
CA ALA A 291 0.48 10.65 -4.19
C ALA A 291 1.06 12.06 -4.12
N MET A 292 0.25 13.04 -4.42
CA MET A 292 0.64 14.45 -4.47
C MET A 292 0.67 15.15 -3.13
N ASP A 293 1.52 16.17 -3.06
CA ASP A 293 1.46 17.22 -2.06
C ASP A 293 0.80 18.28 -2.93
N MET A 294 -0.47 18.60 -2.67
CA MET A 294 -1.18 19.59 -3.48
C MET A 294 -0.54 20.97 -3.32
N LYS A 295 -0.82 21.91 -4.24
CA LYS A 295 -0.29 23.26 -4.17
C LYS A 295 -0.59 23.93 -2.80
N GLY A 296 0.44 24.43 -2.13
CA GLY A 296 0.32 25.06 -0.83
C GLY A 296 0.71 24.16 0.33
N TYR A 297 0.99 22.87 0.07
CA TYR A 297 1.29 21.88 1.08
C TYR A 297 2.64 21.21 0.96
N GLY A 298 3.21 20.88 2.11
CA GLY A 298 4.47 20.17 2.29
C GLY A 298 5.61 20.71 1.45
N GLU A 299 6.15 19.83 0.58
CA GLU A 299 7.24 20.17 -0.30
C GLU A 299 6.83 20.81 -1.62
N SER A 300 5.51 21.03 -1.82
CA SER A 300 5.04 21.74 -3.01
C SER A 300 5.13 23.22 -2.72
N SER A 301 5.27 24.01 -3.78
CA SER A 301 5.33 25.46 -3.66
C SER A 301 4.05 26.01 -3.07
N ALA A 302 4.22 27.03 -2.24
CA ALA A 302 3.11 27.70 -1.60
C ALA A 302 3.16 29.21 -1.88
N PRO A 303 2.83 29.67 -3.11
CA PRO A 303 2.79 31.13 -3.36
C PRO A 303 1.76 31.81 -2.46
N PRO A 304 2.06 33.03 -1.98
CA PRO A 304 1.13 33.71 -1.05
C PRO A 304 -0.21 34.18 -1.64
N GLU A 305 -0.24 34.53 -2.94
CA GLU A 305 -1.40 35.09 -3.63
C GLU A 305 -2.60 34.18 -3.67
N ILE A 306 -3.76 34.73 -3.29
CA ILE A 306 -5.05 34.03 -3.24
C ILE A 306 -5.43 33.37 -4.58
N GLU A 307 -5.36 34.13 -5.68
CA GLU A 307 -5.75 33.70 -7.03
C GLU A 307 -4.93 32.52 -7.58
N GLU A 308 -3.82 32.17 -6.93
CA GLU A 308 -3.03 31.00 -7.28
C GLU A 308 -3.74 29.67 -6.88
N TYR A 309 -4.79 29.72 -6.05
CA TYR A 309 -5.50 28.55 -5.56
C TYR A 309 -6.94 28.46 -6.04
N CYS A 310 -7.30 29.20 -7.09
CA CYS A 310 -8.61 29.03 -7.69
C CYS A 310 -8.56 27.71 -8.49
N MET A 311 -9.70 27.03 -8.57
CA MET A 311 -9.82 25.73 -9.21
C MET A 311 -9.29 25.71 -10.63
N GLU A 312 -9.50 26.81 -11.39
CA GLU A 312 -9.01 26.90 -12.76
C GLU A 312 -7.47 26.81 -12.87
N VAL A 313 -6.75 27.54 -12.00
CA VAL A 313 -5.29 27.51 -11.99
C VAL A 313 -4.82 26.16 -11.54
N LEU A 314 -5.43 25.63 -10.46
CA LEU A 314 -5.13 24.32 -9.87
C LEU A 314 -5.28 23.16 -10.88
N CYS A 315 -6.37 23.16 -11.68
CA CYS A 315 -6.63 22.11 -12.68
C CYS A 315 -5.69 22.19 -13.86
N LYS A 316 -5.34 23.40 -14.28
CA LYS A 316 -4.41 23.66 -15.38
C LYS A 316 -3.00 23.18 -15.00
N GLU A 317 -2.61 23.37 -13.72
CA GLU A 317 -1.31 22.91 -13.24
C GLU A 317 -1.25 21.40 -13.13
N MET A 318 -2.38 20.72 -12.85
CA MET A 318 -2.42 19.27 -12.81
C MET A 318 -2.30 18.67 -14.21
N VAL A 319 -2.81 19.37 -15.23
CA VAL A 319 -2.69 18.97 -16.62
C VAL A 319 -1.23 19.13 -17.02
N THR A 320 -0.61 20.27 -16.71
CA THR A 320 0.81 20.52 -16.98
C THR A 320 1.68 19.48 -16.27
N PHE A 321 1.31 19.10 -15.04
CA PHE A 321 1.99 18.04 -14.27
C PHE A 321 2.01 16.73 -15.06
N LEU A 322 0.87 16.32 -15.66
CA LEU A 322 0.75 15.14 -16.51
C LEU A 322 1.65 15.27 -17.75
N ASP A 323 1.57 16.42 -18.47
CA ASP A 323 2.40 16.74 -19.64
C ASP A 323 3.91 16.59 -19.37
N LYS A 324 4.40 17.14 -18.22
CA LYS A 324 5.82 17.09 -17.88
C LYS A 324 6.30 15.69 -17.49
N LEU A 325 5.40 14.86 -16.95
CA LEU A 325 5.72 13.48 -16.65
C LEU A 325 5.56 12.55 -17.87
N GLY A 326 4.95 13.06 -18.96
CA GLY A 326 4.73 12.31 -20.19
C GLY A 326 3.58 11.33 -20.06
N LEU A 327 2.55 11.71 -19.29
CA LEU A 327 1.38 10.87 -19.07
C LEU A 327 0.21 11.45 -19.83
N SER A 328 -0.37 10.70 -20.76
CA SER A 328 -1.52 11.19 -21.51
C SER A 328 -2.79 11.16 -20.65
N GLN A 329 -2.87 10.19 -19.74
CA GLN A 329 -3.97 9.99 -18.80
C GLN A 329 -3.48 9.54 -17.43
N ALA A 330 -4.32 9.78 -16.43
CA ALA A 330 -4.17 9.26 -15.09
C ALA A 330 -5.57 9.03 -14.51
N VAL A 331 -5.67 8.09 -13.59
CA VAL A 331 -6.88 7.91 -12.84
C VAL A 331 -6.76 8.97 -11.73
N PHE A 332 -7.78 9.81 -11.53
CA PHE A 332 -7.76 10.80 -10.47
C PHE A 332 -8.62 10.40 -9.29
N ILE A 333 -8.01 10.21 -8.10
CA ILE A 333 -8.71 9.84 -6.87
C ILE A 333 -8.49 10.95 -5.85
N GLY A 334 -9.56 11.63 -5.47
CA GLY A 334 -9.46 12.73 -4.53
C GLY A 334 -10.27 12.51 -3.26
N HIS A 335 -9.89 13.21 -2.20
CA HIS A 335 -10.61 13.19 -0.95
C HIS A 335 -10.75 14.64 -0.50
N ASP A 336 -11.95 15.04 -0.04
CA ASP A 336 -12.16 16.36 0.50
C ASP A 336 -11.92 17.46 -0.58
N TRP A 337 -11.03 18.45 -0.39
CA TRP A 337 -10.70 19.42 -1.42
C TRP A 337 -10.11 18.76 -2.68
N GLY A 338 -9.41 17.63 -2.50
CA GLY A 338 -8.85 16.87 -3.62
C GLY A 338 -9.93 16.27 -4.51
N GLY A 339 -11.04 15.87 -3.90
CA GLY A 339 -12.18 15.27 -4.58
C GLY A 339 -12.97 16.31 -5.34
N MET A 340 -13.02 17.54 -4.80
CA MET A 340 -13.63 18.71 -5.42
C MET A 340 -12.87 18.99 -6.74
N LEU A 341 -11.53 18.97 -6.69
CA LEU A 341 -10.67 19.16 -7.83
C LEU A 341 -10.79 18.05 -8.90
N VAL A 342 -10.90 16.76 -8.50
CA VAL A 342 -10.97 15.66 -9.47
C VAL A 342 -12.29 15.67 -10.26
N TRP A 343 -13.40 16.22 -9.69
CA TRP A 343 -14.63 16.35 -10.47
C TRP A 343 -14.47 17.42 -11.55
N TYR A 344 -13.77 18.52 -11.24
CA TYR A 344 -13.52 19.57 -12.22
C TYR A 344 -12.45 19.17 -13.24
N MET A 345 -11.56 18.24 -12.91
CA MET A 345 -10.60 17.69 -13.87
C MET A 345 -11.41 16.88 -14.93
N ALA A 346 -12.45 16.14 -14.49
CA ALA A 346 -13.30 15.34 -15.36
C ALA A 346 -14.20 16.20 -16.25
N LEU A 347 -14.71 17.33 -15.75
CA LEU A 347 -15.56 18.25 -16.49
C LEU A 347 -14.78 19.09 -17.51
N PHE A 348 -13.52 19.46 -17.22
CA PHE A 348 -12.77 20.36 -18.09
C PHE A 348 -11.70 19.68 -18.92
N TYR A 349 -11.15 18.55 -18.47
CA TYR A 349 -10.10 17.83 -19.20
C TYR A 349 -10.39 16.32 -19.22
N PRO A 350 -11.56 15.87 -19.76
CA PRO A 350 -11.87 14.43 -19.73
C PRO A 350 -10.90 13.55 -20.47
N GLU A 351 -10.21 14.09 -21.48
CA GLU A 351 -9.26 13.32 -22.27
C GLU A 351 -8.01 12.92 -21.47
N ARG A 352 -7.71 13.64 -20.39
CA ARG A 352 -6.56 13.37 -19.52
C ARG A 352 -6.92 12.53 -18.29
N VAL A 353 -8.22 12.31 -18.03
CA VAL A 353 -8.70 11.56 -16.90
C VAL A 353 -9.21 10.19 -17.36
N ARG A 354 -8.48 9.11 -17.01
CA ARG A 354 -8.83 7.72 -17.32
C ARG A 354 -10.11 7.33 -16.57
N ALA A 355 -10.17 7.68 -15.28
CA ALA A 355 -11.30 7.43 -14.41
C ALA A 355 -11.25 8.42 -13.25
N VAL A 356 -12.40 8.72 -12.63
CA VAL A 356 -12.46 9.67 -11.54
C VAL A 356 -13.14 9.07 -10.28
N ALA A 357 -12.49 9.22 -9.12
CA ALA A 357 -13.08 8.75 -7.87
C ALA A 357 -13.00 9.84 -6.79
N SER A 358 -14.08 10.02 -6.04
CA SER A 358 -14.08 10.95 -4.93
C SER A 358 -14.47 10.25 -3.62
N LEU A 359 -13.72 10.52 -2.55
CA LEU A 359 -14.02 10.04 -1.22
C LEU A 359 -14.64 11.24 -0.51
N ASN A 360 -15.88 11.10 -0.01
CA ASN A 360 -16.68 12.05 0.79
C ASN A 360 -17.24 13.23 0.03
N THR A 361 -16.44 13.81 -0.87
CA THR A 361 -16.84 15.00 -1.60
C THR A 361 -17.77 14.70 -2.75
N PRO A 362 -18.99 15.25 -2.68
CA PRO A 362 -19.92 15.05 -3.79
C PRO A 362 -19.69 16.03 -4.93
N PHE A 363 -20.24 15.71 -6.10
CA PHE A 363 -20.21 16.64 -7.20
C PHE A 363 -21.45 17.51 -7.00
N ILE A 364 -21.24 18.80 -6.73
CA ILE A 364 -22.35 19.73 -6.55
C ILE A 364 -22.20 20.74 -7.67
N PRO A 365 -23.16 20.80 -8.58
CA PRO A 365 -23.07 21.79 -9.67
C PRO A 365 -23.25 23.22 -9.14
N ALA A 366 -22.64 24.18 -9.83
CA ALA A 366 -22.78 25.59 -9.47
C ALA A 366 -24.21 26.05 -9.75
N ASN A 367 -24.75 26.87 -8.87
CA ASN A 367 -26.07 27.44 -9.06
C ASN A 367 -25.83 28.83 -9.67
N PRO A 368 -26.31 29.09 -10.91
CA PRO A 368 -26.06 30.42 -11.51
C PRO A 368 -26.91 31.55 -10.92
N ASN A 369 -27.99 31.21 -10.20
CA ASN A 369 -28.87 32.19 -9.57
C ASN A 369 -28.44 32.59 -8.15
N MET A 370 -27.38 31.99 -7.62
CA MET A 370 -26.96 32.26 -6.26
C MET A 370 -25.45 32.13 -6.12
N SER A 371 -24.81 33.14 -5.53
CA SER A 371 -23.37 33.11 -5.27
C SER A 371 -23.08 32.03 -4.22
N PRO A 372 -21.88 31.43 -4.25
CA PRO A 372 -21.57 30.38 -3.27
C PRO A 372 -21.48 30.85 -1.82
N LEU A 373 -21.25 32.16 -1.61
CA LEU A 373 -21.19 32.73 -0.27
C LEU A 373 -22.56 32.79 0.39
N GLU A 374 -23.63 32.97 -0.38
CA GLU A 374 -24.98 32.97 0.16
C GLU A 374 -25.50 31.54 0.41
N SER A 375 -24.99 30.57 -0.37
CA SER A 375 -25.29 29.15 -0.21
C SER A 375 -24.56 28.60 1.04
N ILE A 376 -23.37 29.15 1.37
CA ILE A 376 -22.58 28.75 2.53
C ILE A 376 -23.31 29.15 3.82
N LYS A 377 -23.92 30.36 3.82
CA LYS A 377 -24.66 30.87 4.96
C LYS A 377 -25.95 30.05 5.25
N ALA A 378 -26.53 29.44 4.22
CA ALA A 378 -27.75 28.63 4.35
C ALA A 378 -27.54 27.27 5.06
N ASN A 379 -26.29 26.90 5.36
CA ASN A 379 -25.96 25.66 6.07
C ASN A 379 -25.14 26.03 7.29
N PRO A 380 -25.67 25.81 8.51
CA PRO A 380 -24.91 26.18 9.72
C PRO A 380 -23.62 25.38 9.94
N VAL A 381 -23.53 24.17 9.33
CA VAL A 381 -22.33 23.35 9.48
C VAL A 381 -21.13 23.88 8.64
N PHE A 382 -21.39 24.76 7.65
CA PHE A 382 -20.36 25.36 6.80
C PHE A 382 -19.93 26.76 7.28
N ASP A 383 -20.21 27.09 8.55
CA ASP A 383 -19.89 28.38 9.17
C ASP A 383 -18.38 28.61 9.30
N TYR A 384 -17.60 27.53 9.49
CA TYR A 384 -16.15 27.62 9.58
C TYR A 384 -15.56 28.16 8.23
N GLN A 385 -16.29 27.99 7.08
CA GLN A 385 -15.83 28.49 5.77
C GLN A 385 -15.88 30.02 5.70
N LEU A 386 -16.82 30.65 6.43
CA LEU A 386 -16.90 32.12 6.47
C LEU A 386 -15.77 32.68 7.36
N TYR A 387 -15.40 31.95 8.42
CA TYR A 387 -14.31 32.26 9.33
C TYR A 387 -12.95 32.20 8.58
N PHE A 388 -12.84 31.29 7.59
CA PHE A 388 -11.64 31.11 6.78
C PHE A 388 -11.49 32.19 5.69
N GLN A 389 -12.47 33.06 5.47
CA GLN A 389 -12.40 34.08 4.41
C GLN A 389 -11.39 35.20 4.62
N GLU A 390 -11.35 35.79 5.83
CA GLU A 390 -10.47 36.91 6.11
C GLU A 390 -9.02 36.48 6.29
N PRO A 391 -8.12 36.96 5.40
CA PRO A 391 -6.71 36.53 5.48
C PRO A 391 -6.01 36.91 6.77
N GLY A 392 -5.37 35.94 7.40
CA GLY A 392 -4.60 36.12 8.62
C GLY A 392 -5.23 35.57 9.87
N VAL A 393 -6.56 35.69 9.95
CA VAL A 393 -7.34 35.26 11.10
C VAL A 393 -7.21 33.77 11.40
N ALA A 394 -7.62 32.87 10.48
CA ALA A 394 -7.54 31.43 10.74
C ALA A 394 -6.10 30.94 10.76
N GLU A 395 -5.19 31.58 9.99
CA GLU A 395 -3.75 31.22 9.99
C GLU A 395 -3.18 31.37 11.39
N ALA A 396 -3.48 32.49 12.07
CA ALA A 396 -2.97 32.73 13.41
C ALA A 396 -3.42 31.65 14.39
N GLU A 397 -4.70 31.25 14.36
CA GLU A 397 -5.18 30.20 15.27
C GLU A 397 -4.62 28.82 14.96
N LEU A 398 -4.62 28.42 13.66
CA LEU A 398 -4.14 27.11 13.25
C LEU A 398 -2.62 26.94 13.36
N GLU A 399 -1.84 28.02 13.27
CA GLU A 399 -0.37 27.93 13.38
C GLU A 399 0.16 28.09 14.81
N GLN A 400 -0.64 28.70 15.71
CA GLN A 400 -0.27 28.95 17.10
C GLN A 400 0.31 27.71 17.82
N ASN A 401 -0.36 26.56 17.71
CA ASN A 401 0.10 25.31 18.30
C ASN A 401 -0.22 24.18 17.29
N LEU A 402 0.77 23.78 16.47
CA LEU A 402 0.59 22.76 15.42
C LEU A 402 0.18 21.40 15.94
N SER A 403 0.79 20.96 17.04
CA SER A 403 0.47 19.68 17.68
C SER A 403 -1.01 19.64 18.10
N ARG A 404 -1.49 20.74 18.68
CA ARG A 404 -2.88 20.86 19.11
C ARG A 404 -3.85 20.87 17.91
N THR A 405 -3.49 21.59 16.84
CA THR A 405 -4.28 21.66 15.60
C THR A 405 -4.54 20.26 15.03
N PHE A 406 -3.49 19.44 14.86
CA PHE A 406 -3.66 18.12 14.26
C PHE A 406 -4.25 17.11 15.22
N LYS A 407 -4.02 17.28 16.55
CA LYS A 407 -4.64 16.40 17.53
C LYS A 407 -6.14 16.64 17.66
N SER A 408 -6.56 17.89 17.53
CA SER A 408 -7.97 18.26 17.58
C SER A 408 -8.73 17.88 16.31
N LEU A 409 -8.07 17.93 15.14
CA LEU A 409 -8.73 17.64 13.87
C LEU A 409 -8.80 16.15 13.56
N PHE A 410 -7.68 15.44 13.64
CA PHE A 410 -7.58 14.03 13.27
C PHE A 410 -8.15 13.08 14.33
N ARG A 411 -9.49 13.05 14.42
CA ARG A 411 -10.16 12.20 15.41
C ARG A 411 -11.26 11.39 14.74
N ALA A 412 -11.57 10.21 15.28
CA ALA A 412 -12.69 9.40 14.79
C ALA A 412 -14.02 10.12 15.12
N SER A 413 -15.12 9.74 14.45
CA SER A 413 -16.42 10.39 14.67
C SER A 413 -16.88 10.51 16.14
N ASP A 414 -16.63 9.46 16.94
CA ASP A 414 -16.99 9.47 18.37
C ASP A 414 -16.04 10.29 19.24
N GLU A 415 -14.85 10.64 18.74
CA GLU A 415 -13.86 11.40 19.51
C GLU A 415 -13.85 12.88 19.23
N SER A 416 -14.65 13.36 18.25
CA SER A 416 -14.65 14.77 17.86
C SER A 416 -14.84 15.72 19.04
N VAL A 417 -13.89 16.64 19.16
CA VAL A 417 -13.83 17.64 20.22
C VAL A 417 -14.15 19.07 19.72
N LEU A 418 -14.56 19.20 18.43
CA LEU A 418 -14.89 20.47 17.77
C LEU A 418 -16.32 20.50 17.23
N SER A 419 -16.89 21.71 17.12
CA SER A 419 -18.20 21.93 16.51
C SER A 419 -18.00 22.96 15.39
N MET A 420 -18.35 22.60 14.13
CA MET A 420 -18.16 23.47 12.97
C MET A 420 -19.19 24.59 12.81
N HIS A 421 -20.25 24.56 13.63
CA HIS A 421 -21.28 25.59 13.62
C HIS A 421 -20.95 26.64 14.68
N LYS A 422 -21.34 27.90 14.41
CA LYS A 422 -21.11 29.04 15.32
C LYS A 422 -19.63 29.28 15.62
N VAL A 423 -18.74 28.93 14.68
CA VAL A 423 -17.29 29.16 14.75
C VAL A 423 -17.04 30.67 14.74
N CYS A 424 -17.75 31.41 13.87
CA CYS A 424 -17.68 32.86 13.74
C CYS A 424 -18.12 33.63 15.01
N GLU A 425 -19.24 33.21 15.62
N GLU A 425 -19.24 33.21 15.62
CA GLU A 425 -19.74 33.85 16.84
CA GLU A 425 -19.74 33.85 16.84
C GLU A 425 -18.82 33.56 18.03
C GLU A 425 -18.82 33.56 18.03
N ALA A 426 -18.24 32.36 18.08
CA ALA A 426 -17.31 31.98 19.14
C ALA A 426 -15.93 32.62 18.98
N GLY A 427 -15.55 32.99 17.75
CA GLY A 427 -14.28 33.63 17.47
C GLY A 427 -13.13 32.65 17.23
N GLY A 428 -13.44 31.46 16.75
CA GLY A 428 -12.43 30.46 16.49
C GLY A 428 -12.91 29.03 16.50
N LEU A 429 -12.14 28.15 15.86
CA LEU A 429 -12.39 26.72 15.76
C LEU A 429 -12.15 26.01 17.08
N PHE A 430 -11.15 26.47 17.86
CA PHE A 430 -10.70 25.83 19.09
C PHE A 430 -11.00 26.61 20.38
N VAL A 431 -11.88 27.63 20.34
CA VAL A 431 -12.11 28.47 21.52
C VAL A 431 -12.70 27.70 22.74
N ASN A 432 -13.52 26.66 22.53
CA ASN A 432 -14.04 25.87 23.66
C ASN A 432 -13.51 24.43 23.64
N SER A 433 -12.28 24.27 23.19
CA SER A 433 -11.60 22.98 23.04
C SER A 433 -10.41 22.88 24.00
N PRO A 434 -10.01 21.66 24.38
CA PRO A 434 -8.85 21.53 25.28
C PRO A 434 -7.54 22.01 24.67
N GLU A 435 -6.61 22.50 25.49
CA GLU A 435 -5.29 22.92 25.00
C GLU A 435 -4.46 21.68 24.68
N GLU A 436 -4.61 20.62 25.47
CA GLU A 436 -3.93 19.36 25.24
C GLU A 436 -4.96 18.27 24.98
N PRO A 437 -5.41 18.09 23.72
CA PRO A 437 -6.35 17.00 23.44
C PRO A 437 -5.67 15.63 23.52
N SER A 438 -6.44 14.60 23.86
CA SER A 438 -5.91 13.24 23.92
C SER A 438 -5.61 12.74 22.48
N LEU A 439 -4.74 11.74 22.37
CA LEU A 439 -4.40 11.17 21.08
C LEU A 439 -5.57 10.30 20.65
N SER A 440 -5.98 10.46 19.39
CA SER A 440 -7.05 9.65 18.84
C SER A 440 -6.55 8.21 18.64
N ARG A 441 -7.48 7.23 18.69
CA ARG A 441 -7.15 5.82 18.45
C ARG A 441 -6.78 5.55 16.95
N MET A 442 -7.13 6.50 16.06
CA MET A 442 -6.91 6.47 14.63
C MET A 442 -5.45 6.76 14.27
N VAL A 443 -4.80 7.67 15.01
CA VAL A 443 -3.44 8.09 14.71
C VAL A 443 -2.46 7.84 15.84
N THR A 444 -1.16 7.75 15.51
CA THR A 444 -0.10 7.61 16.52
C THR A 444 0.59 8.99 16.69
N GLU A 445 1.42 9.13 17.73
CA GLU A 445 2.12 10.39 18.01
C GLU A 445 3.13 10.71 16.89
N GLU A 446 3.78 9.68 16.34
CA GLU A 446 4.77 9.81 15.27
C GLU A 446 4.11 10.30 13.96
N GLU A 447 2.90 9.80 13.65
CA GLU A 447 2.12 10.21 12.48
C GLU A 447 1.67 11.66 12.63
N ILE A 448 1.26 12.08 13.84
CA ILE A 448 0.85 13.48 14.10
C ILE A 448 2.04 14.43 13.90
N GLN A 449 3.26 14.00 14.35
CA GLN A 449 4.45 14.83 14.21
C GLN A 449 4.92 14.98 12.77
N PHE A 450 4.53 14.05 11.86
CA PHE A 450 4.86 14.16 10.45
C PHE A 450 4.12 15.36 9.84
N TYR A 451 2.84 15.51 10.15
CA TYR A 451 2.04 16.61 9.66
C TYR A 451 2.51 17.93 10.27
N VAL A 452 2.90 17.91 11.57
CA VAL A 452 3.43 19.08 12.29
C VAL A 452 4.68 19.60 11.56
N GLN A 453 5.61 18.68 11.21
CA GLN A 453 6.83 19.04 10.49
C GLN A 453 6.56 19.58 9.10
N GLN A 454 5.56 19.06 8.41
CA GLN A 454 5.16 19.50 7.09
C GLN A 454 4.57 20.91 7.13
N PHE A 455 3.69 21.18 8.11
CA PHE A 455 3.05 22.49 8.20
C PHE A 455 3.96 23.59 8.83
N LYS A 456 5.10 23.18 9.41
CA LYS A 456 6.09 24.10 9.95
C LYS A 456 6.77 24.87 8.81
N LYS A 457 6.94 24.21 7.64
CA LYS A 457 7.52 24.82 6.45
C LYS A 457 6.70 26.03 5.91
N SER A 458 5.54 25.80 5.24
CA SER A 458 4.82 26.91 4.62
C SER A 458 3.56 27.42 5.34
N GLY A 459 3.21 26.82 6.48
CA GLY A 459 2.05 27.24 7.24
C GLY A 459 0.71 26.91 6.61
N PHE A 460 -0.31 27.70 6.97
CA PHE A 460 -1.68 27.49 6.56
C PHE A 460 -2.20 28.47 5.52
N ARG A 461 -1.40 29.46 5.12
CA ARG A 461 -1.82 30.45 4.13
C ARG A 461 -2.26 29.82 2.80
N GLY A 462 -1.37 29.05 2.17
CA GLY A 462 -1.65 28.33 0.92
C GLY A 462 -2.87 27.43 1.04
N PRO A 463 -2.86 26.49 2.01
CA PRO A 463 -4.05 25.65 2.24
C PRO A 463 -5.37 26.43 2.44
N LEU A 464 -5.34 27.56 3.19
CA LEU A 464 -6.53 28.40 3.44
C LEU A 464 -6.98 29.21 2.24
N ASN A 465 -6.05 29.51 1.31
CA ASN A 465 -6.35 30.22 0.07
C ASN A 465 -7.26 29.42 -0.87
N TRP A 466 -7.35 28.09 -0.70
CA TRP A 466 -8.29 27.24 -1.48
C TRP A 466 -9.74 27.67 -1.18
N TYR A 467 -10.01 28.17 0.05
CA TYR A 467 -11.31 28.68 0.48
C TYR A 467 -11.61 30.11 0.05
N ARG A 468 -10.60 30.83 -0.47
CA ARG A 468 -10.75 32.26 -0.75
C ARG A 468 -10.95 32.60 -2.21
N ASN A 469 -11.47 31.68 -2.99
CA ASN A 469 -11.77 31.89 -4.39
C ASN A 469 -13.22 31.47 -4.69
N MET A 470 -14.16 31.65 -3.73
CA MET A 470 -15.56 31.24 -3.91
C MET A 470 -16.18 31.76 -5.21
N GLU A 471 -16.08 33.07 -5.46
CA GLU A 471 -16.62 33.75 -6.64
C GLU A 471 -15.92 33.35 -7.96
N ARG A 472 -14.58 33.26 -7.97
CA ARG A 472 -13.84 32.84 -9.17
C ARG A 472 -14.17 31.41 -9.53
N ASN A 473 -14.28 30.51 -8.53
CA ASN A 473 -14.59 29.11 -8.78
C ASN A 473 -15.99 28.92 -9.31
N TRP A 474 -16.94 29.72 -8.80
CA TRP A 474 -18.33 29.71 -9.19
C TRP A 474 -18.52 30.16 -10.65
N LYS A 475 -17.88 31.28 -11.05
CA LYS A 475 -17.97 31.77 -12.42
C LYS A 475 -17.33 30.80 -13.42
N TRP A 476 -16.26 30.10 -13.01
CA TRP A 476 -15.62 29.11 -13.87
C TRP A 476 -16.46 27.82 -13.97
N ALA A 477 -17.06 27.35 -12.86
CA ALA A 477 -17.88 26.13 -12.86
C ALA A 477 -19.16 26.30 -13.69
N CYS A 478 -19.69 27.53 -13.78
CA CYS A 478 -20.89 27.87 -14.55
C CYS A 478 -20.73 27.63 -16.05
N LYS A 479 -19.48 27.49 -16.55
CA LYS A 479 -19.20 27.15 -17.94
C LYS A 479 -19.46 25.65 -18.22
N SER A 480 -19.52 24.80 -17.18
CA SER A 480 -19.73 23.37 -17.34
C SER A 480 -21.16 22.92 -17.03
N LEU A 481 -22.12 23.85 -16.87
CA LEU A 481 -23.49 23.50 -16.50
C LEU A 481 -24.27 22.73 -17.57
N GLY A 482 -23.82 22.80 -18.82
CA GLY A 482 -24.45 22.04 -19.89
C GLY A 482 -23.81 20.68 -20.14
N ARG A 483 -22.75 20.35 -19.38
CA ARG A 483 -22.01 19.11 -19.54
C ARG A 483 -22.46 18.03 -18.60
N LYS A 484 -22.10 16.80 -18.92
CA LYS A 484 -22.32 15.63 -18.09
C LYS A 484 -20.98 14.92 -17.92
N ILE A 485 -20.82 14.15 -16.83
CA ILE A 485 -19.60 13.36 -16.63
C ILE A 485 -19.89 11.96 -17.18
N LEU A 486 -19.28 11.62 -18.34
CA LEU A 486 -19.60 10.36 -19.01
C LEU A 486 -18.40 9.36 -19.05
N ILE A 487 -17.38 9.62 -18.24
CA ILE A 487 -16.24 8.72 -18.10
C ILE A 487 -16.41 7.91 -16.80
N PRO A 488 -15.66 6.79 -16.60
CA PRO A 488 -15.87 6.00 -15.36
C PRO A 488 -15.67 6.81 -14.09
N ALA A 489 -16.68 6.78 -13.22
CA ALA A 489 -16.72 7.58 -12.01
C ALA A 489 -17.21 6.80 -10.79
N LEU A 490 -16.58 7.04 -9.63
CA LEU A 490 -16.90 6.41 -8.36
C LEU A 490 -17.10 7.45 -7.25
N MET A 491 -18.23 7.34 -6.53
CA MET A 491 -18.49 8.21 -5.39
C MET A 491 -18.46 7.35 -4.15
N VAL A 492 -17.59 7.66 -3.18
CA VAL A 492 -17.53 6.93 -1.92
C VAL A 492 -18.02 7.82 -0.79
N THR A 493 -19.07 7.41 -0.10
CA THR A 493 -19.63 8.19 1.00
C THR A 493 -19.20 7.60 2.34
N ALA A 494 -19.04 8.46 3.34
CA ALA A 494 -18.65 8.06 4.69
C ALA A 494 -19.81 8.39 5.61
N GLU A 495 -20.39 7.36 6.24
CA GLU A 495 -21.55 7.48 7.12
C GLU A 495 -21.50 8.61 8.17
N LYS A 496 -20.37 8.71 8.88
CA LYS A 496 -20.21 9.66 9.98
C LYS A 496 -19.47 10.95 9.63
N ASP A 497 -19.39 11.32 8.35
CA ASP A 497 -18.82 12.62 8.01
C ASP A 497 -19.99 13.56 8.23
N PHE A 498 -19.91 14.42 9.26
N PHE A 498 -19.90 14.41 9.25
CA PHE A 498 -20.97 15.36 9.59
CA PHE A 498 -20.98 15.34 9.59
C PHE A 498 -20.93 16.65 8.78
C PHE A 498 -20.91 16.67 8.82
N VAL A 499 -19.89 16.87 7.96
CA VAL A 499 -19.79 18.07 7.14
C VAL A 499 -20.14 17.67 5.69
N LEU A 500 -19.45 16.67 5.16
CA LEU A 500 -19.66 16.16 3.82
C LEU A 500 -20.55 14.92 3.98
N VAL A 501 -21.78 15.15 4.42
CA VAL A 501 -22.75 14.10 4.70
C VAL A 501 -23.11 13.29 3.45
N PRO A 502 -23.35 11.97 3.60
CA PRO A 502 -23.72 11.13 2.43
C PRO A 502 -24.91 11.62 1.61
N GLN A 503 -25.93 12.21 2.26
CA GLN A 503 -27.13 12.73 1.59
C GLN A 503 -26.83 13.92 0.66
N MET A 504 -25.68 14.60 0.85
CA MET A 504 -25.28 15.65 -0.08
C MET A 504 -24.97 15.10 -1.50
N SER A 505 -24.77 13.79 -1.64
CA SER A 505 -24.46 13.18 -2.93
C SER A 505 -25.66 12.59 -3.72
N GLN A 506 -26.88 12.61 -3.17
CA GLN A 506 -28.02 11.90 -3.78
C GLN A 506 -28.43 12.29 -5.23
N HIS A 507 -28.28 13.55 -5.65
CA HIS A 507 -28.66 13.95 -7.02
C HIS A 507 -27.53 13.87 -8.04
N MET A 508 -26.41 13.22 -7.69
CA MET A 508 -25.25 13.11 -8.57
C MET A 508 -25.49 12.36 -9.86
N GLU A 509 -26.48 11.44 -9.86
CA GLU A 509 -26.84 10.63 -11.02
C GLU A 509 -27.42 11.44 -12.16
N ASP A 510 -28.00 12.61 -11.87
CA ASP A 510 -28.50 13.49 -12.93
C ASP A 510 -27.34 14.03 -13.80
N TRP A 511 -26.14 14.16 -13.23
CA TRP A 511 -24.94 14.68 -13.88
C TRP A 511 -23.95 13.60 -14.28
N ILE A 512 -23.93 12.47 -13.58
CA ILE A 512 -23.01 11.35 -13.82
C ILE A 512 -23.91 10.11 -13.85
N PRO A 513 -24.59 9.86 -14.99
CA PRO A 513 -25.62 8.80 -15.03
C PRO A 513 -25.15 7.37 -14.76
N HIS A 514 -23.92 7.04 -15.15
CA HIS A 514 -23.40 5.69 -14.93
C HIS A 514 -22.44 5.61 -13.74
N LEU A 515 -22.62 6.50 -12.77
CA LEU A 515 -21.85 6.61 -11.52
C LEU A 515 -21.93 5.35 -10.67
N LYS A 516 -20.76 4.88 -10.23
CA LYS A 516 -20.67 3.74 -9.32
C LYS A 516 -20.53 4.27 -7.90
N ARG A 517 -21.09 3.55 -6.93
CA ARG A 517 -21.07 3.98 -5.55
C ARG A 517 -20.39 3.01 -4.61
N GLY A 518 -19.91 3.58 -3.52
CA GLY A 518 -19.28 2.93 -2.38
C GLY A 518 -19.78 3.65 -1.14
N HIS A 519 -19.99 2.91 -0.06
CA HIS A 519 -20.43 3.51 1.19
C HIS A 519 -19.70 2.84 2.32
N ILE A 520 -19.14 3.62 3.24
CA ILE A 520 -18.43 3.06 4.38
C ILE A 520 -19.17 3.44 5.67
N GLU A 521 -19.61 2.42 6.42
CA GLU A 521 -20.30 2.66 7.70
C GLU A 521 -19.28 2.89 8.82
N ASP A 522 -19.68 3.69 9.82
CA ASP A 522 -18.86 4.01 11.00
C ASP A 522 -17.53 4.65 10.57
N CYS A 523 -17.59 5.50 9.56
CA CYS A 523 -16.42 6.16 9.01
C CYS A 523 -16.68 7.64 9.04
N GLY A 524 -15.78 8.39 9.65
CA GLY A 524 -15.91 9.84 9.71
C GLY A 524 -15.28 10.51 8.50
N HIS A 525 -14.85 11.76 8.68
CA HIS A 525 -14.23 12.56 7.64
C HIS A 525 -12.90 12.04 7.12
N TRP A 526 -12.03 11.58 8.00
CA TRP A 526 -10.67 11.15 7.66
C TRP A 526 -10.63 9.73 7.16
N THR A 527 -11.42 9.46 6.13
CA THR A 527 -11.72 8.19 5.47
C THR A 527 -10.54 7.24 5.31
N GLN A 528 -9.44 7.69 4.68
CA GLN A 528 -8.27 6.89 4.39
C GLN A 528 -7.64 6.27 5.62
N MET A 529 -7.55 7.04 6.72
CA MET A 529 -6.93 6.56 7.96
C MET A 529 -7.94 6.02 8.98
N ASP A 530 -9.24 6.36 8.81
CA ASP A 530 -10.30 5.86 9.67
C ASP A 530 -10.60 4.40 9.31
N LYS A 531 -10.92 4.13 8.02
CA LYS A 531 -11.22 2.78 7.56
C LYS A 531 -10.31 2.38 6.39
N PRO A 532 -8.98 2.24 6.62
CA PRO A 532 -8.08 1.92 5.49
C PRO A 532 -8.33 0.61 4.71
N THR A 533 -8.70 -0.48 5.37
CA THR A 533 -8.94 -1.75 4.68
C THR A 533 -10.17 -1.66 3.76
N GLU A 534 -11.21 -0.99 4.23
CA GLU A 534 -12.46 -0.81 3.50
C GLU A 534 -12.26 0.09 2.29
N VAL A 535 -11.50 1.21 2.44
CA VAL A 535 -11.17 2.13 1.35
C VAL A 535 -10.39 1.36 0.26
N ASN A 536 -9.33 0.63 0.67
CA ASN A 536 -8.49 -0.14 -0.25
C ASN A 536 -9.29 -1.14 -1.07
N GLN A 537 -10.18 -1.94 -0.44
CA GLN A 537 -11.00 -2.90 -1.16
C GLN A 537 -11.98 -2.24 -2.15
N ILE A 538 -12.63 -1.12 -1.77
CA ILE A 538 -13.54 -0.40 -2.66
C ILE A 538 -12.78 0.20 -3.86
N LEU A 539 -11.59 0.78 -3.62
CA LEU A 539 -10.82 1.38 -4.71
C LEU A 539 -10.22 0.35 -5.63
N ILE A 540 -9.64 -0.75 -5.07
CA ILE A 540 -9.00 -1.78 -5.89
C ILE A 540 -10.03 -2.51 -6.79
N LYS A 541 -11.25 -2.74 -6.28
CA LYS A 541 -12.28 -3.41 -7.05
C LYS A 541 -12.79 -2.57 -8.21
N TRP A 542 -12.96 -1.27 -7.98
CA TRP A 542 -13.43 -0.32 -8.99
C TRP A 542 -12.32 -0.06 -10.01
N LEU A 543 -11.06 0.02 -9.57
CA LEU A 543 -9.94 0.24 -10.49
C LEU A 543 -9.80 -0.96 -11.42
N ASP A 544 -9.90 -2.18 -10.87
CA ASP A 544 -9.76 -3.40 -11.65
C ASP A 544 -10.87 -3.59 -12.67
N SER A 545 -12.10 -3.18 -12.34
CA SER A 545 -13.22 -3.32 -13.27
C SER A 545 -13.44 -2.12 -14.21
N ASP A 546 -13.46 -0.89 -13.69
CA ASP A 546 -13.75 0.31 -14.51
C ASP A 546 -12.55 1.12 -15.04
N ALA A 547 -11.34 0.95 -14.49
CA ALA A 547 -10.19 1.74 -14.91
C ALA A 547 -9.01 0.91 -15.44
N ARG A 548 -9.29 -0.17 -16.18
CA ARG A 548 -8.21 -1.02 -16.71
C ARG A 548 -8.57 -1.60 -18.08
C1 6N8 B . -11.51 22.82 9.72
C21 6N8 B . -14.95 16.75 10.24
C2 6N8 B . -12.86 22.62 9.42
C6 6N8 B . -10.57 21.88 9.30
C20 6N8 B . -15.54 17.19 9.06
C22 6N8 B . -13.65 17.15 10.53
C3 6N8 B . -13.25 21.50 8.70
C5 6N8 B . -10.95 20.75 8.59
C19 6N8 B . -14.85 18.02 8.19
C23 6N8 B . -12.96 17.99 9.65
C4 6N8 B . -12.30 20.56 8.28
C18 6N8 B . -13.53 18.43 8.46
C11 6N8 B . -13.88 21.43 3.44
C15 6N8 B . -14.73 20.42 -0.03
C16 6N8 B . -15.46 21.75 0.14
C14 6N8 B . -13.91 20.22 1.24
C17 6N8 B . -14.96 22.35 1.44
C8 6N8 B . -13.44 19.61 6.23
C9 6N8 B . -12.60 20.45 5.30
C7 6N8 B . -12.73 19.31 7.55
N13 6N8 B . -14.39 21.24 2.17
N10 6N8 B . -13.15 20.42 3.97
O12 6N8 B . -14.08 22.46 4.06
#